data_1PLP
#
_entry.id   1PLP
#
_cell.length_a   1.000
_cell.length_b   1.000
_cell.length_c   1.000
_cell.angle_alpha   90.00
_cell.angle_beta   90.00
_cell.angle_gamma   90.00
#
_symmetry.space_group_name_H-M   'P 1'
#
_entity_poly.entity_id   1
_entity_poly.type   'polypeptide(L)'
_entity_poly.pdbx_seq_one_letter_code
;MDKVQYLTRSAIRRASTIEMPQQAC
;
_entity_poly.pdbx_strand_id   A
#
# COMPACT_ATOMS: atom_id res chain seq x y z
N MET A 1 -0.99 -9.16 14.52
CA MET A 1 -1.57 -7.89 14.12
C MET A 1 -0.61 -7.11 13.21
N ASP A 2 0.63 -7.02 13.65
CA ASP A 2 1.65 -6.31 12.91
C ASP A 2 1.98 -7.10 11.63
N LYS A 3 1.77 -8.40 11.71
CA LYS A 3 2.04 -9.27 10.58
C LYS A 3 0.87 -9.19 9.60
N VAL A 4 -0.32 -9.03 10.15
CA VAL A 4 -1.52 -8.94 9.35
C VAL A 4 -1.63 -7.53 8.76
N GLN A 5 -1.12 -6.57 9.51
CA GLN A 5 -1.17 -5.18 9.08
C GLN A 5 -0.04 -4.91 8.07
N TYR A 6 0.90 -5.84 8.02
CA TYR A 6 2.02 -5.71 7.12
C TYR A 6 1.62 -6.07 5.69
N LEU A 7 0.86 -7.15 5.57
CA LEU A 7 0.41 -7.61 4.26
C LEU A 7 -0.70 -6.67 3.77
N THR A 8 -1.55 -6.25 4.69
CA THR A 8 -2.65 -5.36 4.36
C THR A 8 -2.12 -4.06 3.79
N ARG A 9 -0.98 -3.63 4.32
CA ARG A 9 -0.36 -2.40 3.87
C ARG A 9 0.32 -2.61 2.52
N SER A 10 0.98 -3.76 2.40
CA SER A 10 1.67 -4.10 1.17
C SER A 10 0.68 -4.15 0.00
N ALA A 11 -0.58 -4.34 0.35
CA ALA A 11 -1.63 -4.40 -0.65
C ALA A 11 -1.83 -3.03 -1.28
N ILE A 12 -2.14 -2.06 -0.43
CA ILE A 12 -2.36 -0.69 -0.89
C ILE A 12 -1.02 -0.07 -1.27
N ARG A 13 -0.01 -0.38 -0.46
CA ARG A 13 1.33 0.14 -0.70
C ARG A 13 1.77 -0.16 -2.14
N ARG A 14 1.50 -1.39 -2.56
CA ARG A 14 1.86 -1.81 -3.89
C ARG A 14 0.95 -1.15 -4.93
N ALA A 15 -0.25 -0.82 -4.49
CA ALA A 15 -1.22 -0.17 -5.38
C ALA A 15 -1.22 1.33 -5.08
N SER A 16 -0.19 1.77 -4.37
CA SER A 16 -0.07 3.18 -4.03
C SER A 16 1.35 3.67 -4.32
N THR A 17 2.04 2.90 -5.15
CA THR A 17 3.41 3.25 -5.51
C THR A 17 3.57 3.28 -7.04
N ILE A 18 2.78 4.14 -7.66
CA ILE A 18 2.82 4.29 -9.11
C ILE A 18 3.30 5.68 -9.46
N GLU A 19 2.50 6.67 -9.08
CA GLU A 19 2.83 8.05 -9.35
C GLU A 19 3.97 8.52 -8.44
N MET A 20 3.70 8.47 -7.15
CA MET A 20 4.67 8.88 -6.15
C MET A 20 5.53 7.70 -5.70
N PRO A 21 6.79 8.02 -5.28
CA PRO A 21 7.70 6.99 -4.82
C PRO A 21 7.32 6.50 -3.42
N GLN A 22 7.90 5.37 -3.05
CA GLN A 22 7.64 4.78 -1.75
C GLN A 22 8.45 3.50 -1.56
N GLN A 23 9.54 3.63 -0.82
CA GLN A 23 10.41 2.50 -0.55
C GLN A 23 10.90 2.52 0.90
N ALA A 24 10.13 1.87 1.75
CA ALA A 24 10.47 1.81 3.17
C ALA A 24 10.42 3.22 3.76
N CYS A 25 11.47 3.97 3.50
CA CYS A 25 11.56 5.33 4.00
C CYS A 25 11.64 6.28 2.81
N MET A 1 -0.99 -9.16 14.52
CA MET A 1 -1.57 -7.89 14.12
C MET A 1 -0.61 -7.11 13.21
N ASP A 2 0.63 -7.02 13.65
CA ASP A 2 1.65 -6.31 12.91
C ASP A 2 1.98 -7.10 11.63
N LYS A 3 1.77 -8.40 11.71
CA LYS A 3 2.04 -9.27 10.58
C LYS A 3 0.87 -9.19 9.60
N VAL A 4 -0.32 -9.03 10.15
CA VAL A 4 -1.52 -8.94 9.35
C VAL A 4 -1.63 -7.53 8.76
N GLN A 5 -1.12 -6.57 9.51
CA GLN A 5 -1.17 -5.18 9.08
C GLN A 5 -0.04 -4.91 8.07
N TYR A 6 0.90 -5.84 8.02
CA TYR A 6 2.02 -5.71 7.12
C TYR A 6 1.62 -6.07 5.69
N LEU A 7 0.86 -7.15 5.57
CA LEU A 7 0.41 -7.61 4.26
C LEU A 7 -0.70 -6.67 3.77
N THR A 8 -1.55 -6.25 4.69
CA THR A 8 -2.65 -5.36 4.36
C THR A 8 -2.12 -4.06 3.79
N ARG A 9 -0.98 -3.63 4.32
CA ARG A 9 -0.36 -2.40 3.87
C ARG A 9 0.32 -2.61 2.52
N SER A 10 0.98 -3.76 2.40
CA SER A 10 1.67 -4.10 1.17
C SER A 10 0.68 -4.15 0.00
N ALA A 11 -0.58 -4.34 0.35
CA ALA A 11 -1.63 -4.40 -0.65
C ALA A 11 -1.83 -3.03 -1.28
N ILE A 12 -2.14 -2.06 -0.43
CA ILE A 12 -2.36 -0.69 -0.89
C ILE A 12 -1.02 -0.07 -1.27
N ARG A 13 -0.01 -0.38 -0.46
CA ARG A 13 1.33 0.14 -0.70
C ARG A 13 1.77 -0.16 -2.14
N ARG A 14 1.50 -1.39 -2.56
CA ARG A 14 1.86 -1.81 -3.89
C ARG A 14 0.95 -1.15 -4.93
N ALA A 15 -0.25 -0.82 -4.49
CA ALA A 15 -1.22 -0.17 -5.38
C ALA A 15 -1.22 1.33 -5.08
N SER A 16 -0.19 1.77 -4.37
CA SER A 16 -0.07 3.18 -4.03
C SER A 16 1.35 3.67 -4.32
N THR A 17 2.04 2.90 -5.15
CA THR A 17 3.41 3.25 -5.51
C THR A 17 3.57 3.28 -7.04
N ILE A 18 2.78 4.14 -7.66
CA ILE A 18 2.82 4.29 -9.11
C ILE A 18 3.30 5.68 -9.46
N GLU A 19 2.50 6.67 -9.08
CA GLU A 19 2.83 8.05 -9.35
C GLU A 19 3.97 8.52 -8.44
N MET A 20 3.70 8.47 -7.15
CA MET A 20 4.67 8.88 -6.15
C MET A 20 5.53 7.70 -5.70
N PRO A 21 6.79 8.02 -5.28
CA PRO A 21 7.70 6.99 -4.82
C PRO A 21 7.32 6.50 -3.42
N GLN A 22 7.90 5.37 -3.05
CA GLN A 22 7.64 4.78 -1.75
C GLN A 22 8.45 3.50 -1.56
N GLN A 23 9.54 3.63 -0.82
CA GLN A 23 10.41 2.50 -0.55
C GLN A 23 10.90 2.52 0.90
N ALA A 24 10.13 1.87 1.75
CA ALA A 24 10.47 1.81 3.17
C ALA A 24 10.42 3.22 3.76
N CYS A 25 11.47 3.97 3.50
CA CYS A 25 11.56 5.33 4.00
C CYS A 25 11.64 6.28 2.81
N MET A 1 -1.79 -8.82 14.27
CA MET A 1 -2.03 -7.43 13.90
C MET A 1 -0.88 -6.87 13.06
N ASP A 2 0.33 -7.15 13.53
CA ASP A 2 1.52 -6.68 12.83
C ASP A 2 1.69 -7.46 11.53
N LYS A 3 1.19 -8.68 11.54
CA LYS A 3 1.27 -9.54 10.37
C LYS A 3 0.17 -9.15 9.39
N VAL A 4 -1.00 -8.86 9.95
CA VAL A 4 -2.14 -8.49 9.13
C VAL A 4 -1.94 -7.07 8.61
N GLN A 5 -1.32 -6.25 9.44
CA GLN A 5 -1.05 -4.86 9.08
C GLN A 5 0.16 -4.77 8.16
N TYR A 6 0.96 -5.84 8.17
CA TYR A 6 2.15 -5.91 7.35
C TYR A 6 1.80 -6.24 5.90
N LEU A 7 0.93 -7.22 5.74
CA LEU A 7 0.52 -7.64 4.42
C LEU A 7 -0.40 -6.57 3.82
N THR A 8 -1.25 -6.01 4.67
CA THR A 8 -2.18 -4.98 4.24
C THR A 8 -1.42 -3.81 3.63
N ARG A 9 -0.31 -3.46 4.27
CA ARG A 9 0.51 -2.35 3.79
C ARG A 9 1.25 -2.74 2.52
N SER A 10 1.60 -4.02 2.44
CA SER A 10 2.31 -4.54 1.29
C SER A 10 1.44 -4.41 0.04
N ALA A 11 0.15 -4.65 0.23
CA ALA A 11 -0.79 -4.55 -0.88
C ALA A 11 -1.12 -3.09 -1.14
N ILE A 12 -1.24 -2.33 -0.05
CA ILE A 12 -1.55 -0.92 -0.15
C ILE A 12 -0.36 -0.17 -0.73
N ARG A 13 0.83 -0.72 -0.46
CA ARG A 13 2.06 -0.11 -0.94
C ARG A 13 2.10 -0.17 -2.47
N ARG A 14 1.74 -1.32 -3.00
CA ARG A 14 1.73 -1.52 -4.45
C ARG A 14 0.50 -0.84 -5.07
N ALA A 15 -0.57 -0.80 -4.29
CA ALA A 15 -1.80 -0.18 -4.75
C ALA A 15 -1.71 1.33 -4.57
N SER A 16 -0.78 1.74 -3.71
CA SER A 16 -0.58 3.15 -3.45
C SER A 16 0.62 3.68 -4.24
N THR A 17 1.05 2.87 -5.21
CA THR A 17 2.18 3.24 -6.03
C THR A 17 1.77 3.27 -7.51
N ILE A 18 0.95 4.25 -7.84
CA ILE A 18 0.48 4.40 -9.21
C ILE A 18 0.26 5.88 -9.51
N GLU A 19 1.19 6.70 -9.04
CA GLU A 19 1.11 8.14 -9.25
C GLU A 19 -0.04 8.72 -8.42
N MET A 20 -1.25 8.26 -8.73
CA MET A 20 -2.43 8.72 -8.02
C MET A 20 -3.05 7.59 -7.19
N PRO A 21 -2.64 7.54 -5.90
CA PRO A 21 -3.14 6.52 -5.00
C PRO A 21 -4.57 6.85 -4.54
N GLN A 22 -5.26 5.82 -4.08
CA GLN A 22 -6.63 5.99 -3.62
C GLN A 22 -7.18 4.65 -3.10
N GLN A 23 -7.37 4.60 -1.79
CA GLN A 23 -7.89 3.41 -1.15
C GLN A 23 -9.27 3.06 -1.72
N ALA A 24 -9.59 1.78 -1.64
CA ALA A 24 -10.87 1.30 -2.13
C ALA A 24 -11.19 -0.05 -1.49
N CYS A 25 -10.33 -1.01 -1.77
CA CYS A 25 -10.50 -2.35 -1.24
C CYS A 25 -9.15 -2.83 -0.69
N MET A 1 -1.79 -8.82 14.27
CA MET A 1 -2.03 -7.43 13.90
C MET A 1 -0.88 -6.87 13.06
N ASP A 2 0.33 -7.15 13.53
CA ASP A 2 1.52 -6.68 12.83
C ASP A 2 1.69 -7.46 11.53
N LYS A 3 1.19 -8.68 11.54
CA LYS A 3 1.27 -9.54 10.37
C LYS A 3 0.17 -9.15 9.39
N VAL A 4 -1.00 -8.86 9.95
CA VAL A 4 -2.14 -8.49 9.13
C VAL A 4 -1.94 -7.07 8.61
N GLN A 5 -1.32 -6.25 9.44
CA GLN A 5 -1.05 -4.86 9.08
C GLN A 5 0.16 -4.77 8.16
N TYR A 6 0.96 -5.84 8.17
CA TYR A 6 2.15 -5.91 7.35
C TYR A 6 1.80 -6.24 5.90
N LEU A 7 0.93 -7.22 5.74
CA LEU A 7 0.52 -7.64 4.42
C LEU A 7 -0.40 -6.57 3.82
N THR A 8 -1.25 -6.01 4.67
CA THR A 8 -2.18 -4.98 4.24
C THR A 8 -1.42 -3.81 3.63
N ARG A 9 -0.31 -3.46 4.27
CA ARG A 9 0.51 -2.35 3.79
C ARG A 9 1.25 -2.74 2.52
N SER A 10 1.60 -4.02 2.44
CA SER A 10 2.31 -4.54 1.29
C SER A 10 1.44 -4.41 0.04
N ALA A 11 0.15 -4.65 0.23
CA ALA A 11 -0.79 -4.55 -0.88
C ALA A 11 -1.12 -3.09 -1.14
N ILE A 12 -1.24 -2.33 -0.05
CA ILE A 12 -1.55 -0.92 -0.15
C ILE A 12 -0.36 -0.17 -0.73
N ARG A 13 0.83 -0.72 -0.46
CA ARG A 13 2.06 -0.11 -0.94
C ARG A 13 2.10 -0.17 -2.47
N ARG A 14 1.74 -1.32 -3.00
CA ARG A 14 1.73 -1.52 -4.45
C ARG A 14 0.50 -0.84 -5.07
N ALA A 15 -0.57 -0.80 -4.29
CA ALA A 15 -1.80 -0.18 -4.75
C ALA A 15 -1.71 1.33 -4.57
N SER A 16 -0.78 1.74 -3.71
CA SER A 16 -0.58 3.15 -3.45
C SER A 16 0.62 3.68 -4.24
N THR A 17 1.05 2.87 -5.21
CA THR A 17 2.18 3.24 -6.03
C THR A 17 1.77 3.27 -7.51
N ILE A 18 0.95 4.25 -7.84
CA ILE A 18 0.48 4.40 -9.21
C ILE A 18 0.26 5.88 -9.51
N GLU A 19 1.19 6.70 -9.04
CA GLU A 19 1.11 8.14 -9.25
C GLU A 19 -0.04 8.72 -8.42
N MET A 20 -1.25 8.26 -8.73
CA MET A 20 -2.43 8.72 -8.02
C MET A 20 -3.05 7.59 -7.19
N PRO A 21 -2.64 7.54 -5.90
CA PRO A 21 -3.14 6.52 -5.00
C PRO A 21 -4.57 6.85 -4.54
N GLN A 22 -5.26 5.82 -4.08
CA GLN A 22 -6.63 5.99 -3.62
C GLN A 22 -7.18 4.65 -3.10
N GLN A 23 -7.37 4.60 -1.79
CA GLN A 23 -7.89 3.41 -1.15
C GLN A 23 -9.27 3.06 -1.72
N ALA A 24 -9.59 1.78 -1.64
CA ALA A 24 -10.87 1.30 -2.13
C ALA A 24 -11.19 -0.05 -1.49
N CYS A 25 -10.33 -1.01 -1.77
CA CYS A 25 -10.50 -2.35 -1.24
C CYS A 25 -9.15 -2.83 -0.69
N MET A 1 -1.71 -8.19 15.16
CA MET A 1 -2.13 -7.86 13.80
C MET A 1 -0.99 -7.20 13.03
N ASP A 2 0.23 -7.42 13.49
CA ASP A 2 1.40 -6.86 12.85
C ASP A 2 1.69 -7.62 11.56
N LYS A 3 1.30 -8.88 11.56
CA LYS A 3 1.52 -9.74 10.40
C LYS A 3 0.44 -9.44 9.35
N VAL A 4 -0.75 -9.13 9.85
CA VAL A 4 -1.87 -8.84 8.98
C VAL A 4 -1.75 -7.39 8.47
N GLN A 5 -1.19 -6.55 9.33
CA GLN A 5 -1.01 -5.15 8.98
C GLN A 5 0.18 -4.98 8.04
N TYR A 6 0.96 -6.04 7.94
CA TYR A 6 2.14 -6.02 7.07
C TYR A 6 1.73 -6.19 5.61
N LEU A 7 0.82 -7.14 5.37
CA LEU A 7 0.36 -7.41 4.03
C LEU A 7 -0.56 -6.27 3.57
N THR A 8 -1.37 -5.79 4.51
CA THR A 8 -2.28 -4.71 4.21
C THR A 8 -1.52 -3.47 3.75
N ARG A 9 -0.44 -3.18 4.46
CA ARG A 9 0.39 -2.03 4.13
C ARG A 9 1.18 -2.29 2.85
N SER A 10 1.52 -3.55 2.66
CA SER A 10 2.27 -3.94 1.47
C SER A 10 1.37 -3.92 0.24
N ALA A 11 0.12 -4.30 0.45
CA ALA A 11 -0.86 -4.32 -0.62
C ALA A 11 -1.21 -2.88 -1.02
N ILE A 12 -1.45 -2.07 0.00
CA ILE A 12 -1.80 -0.67 -0.22
C ILE A 12 -0.58 0.08 -0.73
N ARG A 13 0.58 -0.33 -0.23
CA ARG A 13 1.83 0.29 -0.62
C ARG A 13 2.08 0.08 -2.11
N ARG A 14 1.94 -1.16 -2.53
CA ARG A 14 2.15 -1.52 -3.93
C ARG A 14 0.94 -1.09 -4.77
N ALA A 15 -0.21 -1.03 -4.11
CA ALA A 15 -1.44 -0.65 -4.78
C ALA A 15 -1.48 0.87 -4.92
N SER A 16 -0.83 1.54 -3.98
CA SER A 16 -0.79 3.00 -3.99
C SER A 16 0.37 3.48 -4.86
N THR A 17 1.05 2.52 -5.46
CA THR A 17 2.18 2.83 -6.32
C THR A 17 1.82 2.57 -7.79
N ILE A 18 0.84 3.33 -8.26
CA ILE A 18 0.40 3.18 -9.64
C ILE A 18 -0.19 4.52 -10.12
N GLU A 19 0.53 5.59 -9.80
CA GLU A 19 0.09 6.92 -10.20
C GLU A 19 -1.18 7.30 -9.44
N MET A 20 -1.47 8.59 -9.46
CA MET A 20 -2.66 9.10 -8.79
C MET A 20 -3.89 9.02 -9.70
N PRO A 21 -5.08 8.88 -9.05
CA PRO A 21 -6.32 8.79 -9.79
C PRO A 21 -6.73 10.15 -10.35
N GLN A 22 -7.39 10.12 -11.49
CA GLN A 22 -7.84 11.34 -12.14
C GLN A 22 -9.12 11.07 -12.95
N GLN A 23 -10.26 11.34 -12.32
CA GLN A 23 -11.54 11.13 -12.95
C GLN A 23 -12.66 11.71 -12.09
N ALA A 24 -13.81 11.91 -12.72
CA ALA A 24 -14.97 12.46 -12.03
C ALA A 24 -15.52 11.40 -11.06
N CYS A 25 -16.48 11.83 -10.27
CA CYS A 25 -17.10 10.94 -9.29
C CYS A 25 -18.37 10.37 -9.92
N MET A 1 -1.71 -8.19 15.16
CA MET A 1 -2.13 -7.86 13.80
C MET A 1 -0.99 -7.20 13.03
N ASP A 2 0.23 -7.42 13.49
CA ASP A 2 1.40 -6.86 12.85
C ASP A 2 1.69 -7.62 11.56
N LYS A 3 1.30 -8.88 11.56
CA LYS A 3 1.52 -9.74 10.40
C LYS A 3 0.44 -9.44 9.35
N VAL A 4 -0.75 -9.13 9.85
CA VAL A 4 -1.87 -8.84 8.98
C VAL A 4 -1.75 -7.39 8.47
N GLN A 5 -1.19 -6.55 9.33
CA GLN A 5 -1.01 -5.15 8.98
C GLN A 5 0.18 -4.98 8.04
N TYR A 6 0.96 -6.04 7.94
CA TYR A 6 2.14 -6.02 7.07
C TYR A 6 1.73 -6.19 5.61
N LEU A 7 0.82 -7.14 5.37
CA LEU A 7 0.36 -7.41 4.03
C LEU A 7 -0.56 -6.27 3.57
N THR A 8 -1.37 -5.79 4.51
CA THR A 8 -2.28 -4.71 4.21
C THR A 8 -1.52 -3.47 3.75
N ARG A 9 -0.44 -3.18 4.46
CA ARG A 9 0.39 -2.03 4.13
C ARG A 9 1.18 -2.29 2.85
N SER A 10 1.52 -3.55 2.66
CA SER A 10 2.27 -3.94 1.47
C SER A 10 1.37 -3.92 0.24
N ALA A 11 0.12 -4.30 0.45
CA ALA A 11 -0.86 -4.32 -0.62
C ALA A 11 -1.21 -2.88 -1.02
N ILE A 12 -1.45 -2.07 0.00
CA ILE A 12 -1.80 -0.67 -0.22
C ILE A 12 -0.58 0.08 -0.73
N ARG A 13 0.58 -0.33 -0.23
CA ARG A 13 1.83 0.29 -0.62
C ARG A 13 2.08 0.08 -2.11
N ARG A 14 1.94 -1.16 -2.53
CA ARG A 14 2.15 -1.52 -3.93
C ARG A 14 0.94 -1.09 -4.77
N ALA A 15 -0.21 -1.03 -4.11
CA ALA A 15 -1.44 -0.65 -4.78
C ALA A 15 -1.48 0.87 -4.92
N SER A 16 -0.83 1.54 -3.98
CA SER A 16 -0.79 3.00 -3.99
C SER A 16 0.37 3.48 -4.86
N THR A 17 1.05 2.52 -5.46
CA THR A 17 2.18 2.83 -6.32
C THR A 17 1.82 2.57 -7.79
N ILE A 18 0.84 3.33 -8.26
CA ILE A 18 0.40 3.18 -9.64
C ILE A 18 -0.19 4.52 -10.12
N GLU A 19 0.53 5.59 -9.80
CA GLU A 19 0.09 6.92 -10.20
C GLU A 19 -1.18 7.30 -9.44
N MET A 20 -1.47 8.59 -9.46
CA MET A 20 -2.66 9.10 -8.79
C MET A 20 -3.89 9.02 -9.70
N PRO A 21 -5.08 8.88 -9.05
CA PRO A 21 -6.32 8.79 -9.79
C PRO A 21 -6.73 10.15 -10.35
N GLN A 22 -7.39 10.12 -11.49
CA GLN A 22 -7.84 11.34 -12.14
C GLN A 22 -9.12 11.07 -12.95
N GLN A 23 -10.26 11.34 -12.32
CA GLN A 23 -11.54 11.13 -12.95
C GLN A 23 -12.66 11.71 -12.09
N ALA A 24 -13.81 11.91 -12.72
CA ALA A 24 -14.97 12.46 -12.03
C ALA A 24 -15.52 11.40 -11.06
N CYS A 25 -16.48 11.83 -10.27
CA CYS A 25 -17.10 10.94 -9.29
C CYS A 25 -18.37 10.37 -9.92
N MET A 1 -2.03 -8.70 15.28
CA MET A 1 -2.51 -8.19 14.00
C MET A 1 -1.41 -7.41 13.28
N ASP A 2 -0.19 -7.60 13.73
CA ASP A 2 0.95 -6.92 13.15
C ASP A 2 1.36 -7.65 11.85
N LYS A 3 1.00 -8.92 11.80
CA LYS A 3 1.32 -9.73 10.63
C LYS A 3 0.32 -9.45 9.52
N VAL A 4 -0.91 -9.16 9.93
CA VAL A 4 -1.96 -8.86 8.98
C VAL A 4 -1.83 -7.40 8.51
N GLN A 5 -1.31 -6.57 9.40
CA GLN A 5 -1.12 -5.16 9.10
C GLN A 5 0.14 -4.97 8.26
N TYR A 6 0.98 -6.00 8.27
CA TYR A 6 2.23 -5.95 7.53
C TYR A 6 1.99 -6.18 6.04
N LEU A 7 1.08 -7.11 5.76
CA LEU A 7 0.75 -7.44 4.38
C LEU A 7 -0.09 -6.31 3.78
N THR A 8 -0.93 -5.73 4.62
CA THR A 8 -1.78 -4.65 4.19
C THR A 8 -0.95 -3.47 3.68
N ARG A 9 0.22 -3.32 4.27
CA ARG A 9 1.12 -2.25 3.88
C ARG A 9 1.75 -2.54 2.52
N SER A 10 1.95 -3.82 2.27
CA SER A 10 2.54 -4.26 1.01
C SER A 10 1.48 -4.22 -0.10
N ALA A 11 0.23 -4.15 0.31
CA ALA A 11 -0.87 -4.10 -0.63
C ALA A 11 -1.21 -2.64 -0.93
N ILE A 12 -1.16 -1.82 0.11
CA ILE A 12 -1.46 -0.40 -0.04
C ILE A 12 -0.31 0.28 -0.77
N ARG A 13 0.90 -0.15 -0.44
CA ARG A 13 2.09 0.42 -1.07
C ARG A 13 2.12 0.08 -2.56
N ARG A 14 1.67 -1.13 -2.86
CA ARG A 14 1.65 -1.59 -4.24
C ARG A 14 0.43 -1.02 -4.97
N ALA A 15 -0.66 -0.88 -4.22
CA ALA A 15 -1.89 -0.36 -4.77
C ALA A 15 -1.78 1.16 -4.90
N SER A 16 -1.00 1.75 -3.99
CA SER A 16 -0.81 3.18 -4.00
C SER A 16 0.27 3.56 -5.01
N THR A 17 0.83 2.54 -5.65
CA THR A 17 1.87 2.76 -6.64
C THR A 17 1.31 2.50 -8.05
N ILE A 18 0.48 3.43 -8.50
CA ILE A 18 -0.13 3.32 -9.82
C ILE A 18 0.49 4.38 -10.74
N GLU A 19 0.25 5.63 -10.38
CA GLU A 19 0.78 6.75 -11.16
C GLU A 19 0.50 8.07 -10.45
N MET A 20 -0.79 8.33 -10.23
CA MET A 20 -1.20 9.55 -9.56
C MET A 20 -1.61 9.27 -8.11
N PRO A 21 -1.44 10.32 -7.26
CA PRO A 21 -1.79 10.21 -5.85
C PRO A 21 -3.31 10.24 -5.66
N GLN A 22 -3.96 9.18 -6.13
CA GLN A 22 -5.40 9.09 -6.02
C GLN A 22 -6.05 10.44 -6.28
N GLN A 23 -5.97 10.86 -7.53
CA GLN A 23 -6.55 12.14 -7.92
C GLN A 23 -5.82 13.29 -7.24
N ALA A 24 -5.95 14.47 -7.81
CA ALA A 24 -5.31 15.66 -7.27
C ALA A 24 -6.07 16.90 -7.73
N CYS A 25 -6.11 17.08 -9.04
CA CYS A 25 -6.79 18.23 -9.62
C CYS A 25 -8.20 17.80 -10.00
N MET A 1 -2.08 -7.54 14.66
CA MET A 1 -2.45 -6.38 13.85
C MET A 1 -1.29 -5.95 12.95
N ASP A 2 -0.11 -5.85 13.56
CA ASP A 2 1.07 -5.45 12.82
C ASP A 2 1.48 -6.57 11.86
N LYS A 3 1.10 -7.79 12.24
CA LYS A 3 1.43 -8.95 11.42
C LYS A 3 0.43 -9.03 10.26
N VAL A 4 -0.80 -8.63 10.54
CA VAL A 4 -1.84 -8.66 9.54
C VAL A 4 -1.69 -7.45 8.61
N GLN A 5 -1.18 -6.37 9.18
CA GLN A 5 -0.98 -5.14 8.43
C GLN A 5 0.30 -5.24 7.60
N TYR A 6 1.13 -6.22 7.95
CA TYR A 6 2.38 -6.43 7.24
C TYR A 6 2.14 -7.14 5.91
N LEU A 7 1.15 -8.01 5.91
CA LEU A 7 0.82 -8.75 4.70
C LEU A 7 0.00 -7.86 3.76
N THR A 8 -0.86 -7.06 4.36
CA THR A 8 -1.70 -6.15 3.60
C THR A 8 -0.91 -4.91 3.19
N ARG A 9 0.37 -4.91 3.53
CA ARG A 9 1.23 -3.80 3.21
C ARG A 9 1.53 -3.76 1.71
N SER A 10 1.46 -4.94 1.10
CA SER A 10 1.71 -5.05 -0.33
C SER A 10 0.58 -4.40 -1.11
N ALA A 11 -0.64 -4.63 -0.64
CA ALA A 11 -1.82 -4.06 -1.28
C ALA A 11 -1.79 -2.54 -1.13
N ILE A 12 -1.40 -2.10 0.04
CA ILE A 12 -1.32 -0.68 0.32
C ILE A 12 -0.11 -0.08 -0.37
N ARG A 13 1.00 -0.83 -0.32
CA ARG A 13 2.23 -0.39 -0.94
C ARG A 13 2.05 -0.29 -2.46
N ARG A 14 1.33 -1.26 -3.00
CA ARG A 14 1.08 -1.29 -4.43
C ARG A 14 -0.02 -0.28 -4.80
N ALA A 15 -0.97 -0.15 -3.90
CA ALA A 15 -2.08 0.77 -4.12
C ALA A 15 -1.62 2.20 -3.84
N SER A 16 -0.53 2.30 -3.09
CA SER A 16 0.02 3.59 -2.75
C SER A 16 1.19 3.94 -3.70
N THR A 17 1.28 3.17 -4.77
CA THR A 17 2.33 3.38 -5.75
C THR A 17 1.72 3.64 -7.13
N ILE A 18 1.66 4.92 -7.49
CA ILE A 18 1.11 5.32 -8.76
C ILE A 18 2.03 6.35 -9.41
N GLU A 19 3.33 6.14 -9.22
CA GLU A 19 4.32 7.04 -9.78
C GLU A 19 5.68 6.34 -9.87
N MET A 20 6.16 5.91 -8.72
CA MET A 20 7.44 5.22 -8.66
C MET A 20 7.43 4.11 -7.60
N PRO A 21 7.08 2.87 -8.07
CA PRO A 21 7.01 1.72 -7.19
C PRO A 21 8.42 1.24 -6.82
N GLN A 22 8.98 1.87 -5.81
CA GLN A 22 10.32 1.51 -5.35
C GLN A 22 10.55 2.03 -3.93
N GLN A 23 10.47 1.12 -2.98
CA GLN A 23 10.67 1.47 -1.59
C GLN A 23 10.81 0.20 -0.73
N ALA A 24 12.00 0.03 -0.19
CA ALA A 24 12.27 -1.13 0.65
C ALA A 24 12.17 -0.73 2.13
N CYS A 25 10.96 -0.39 2.52
CA CYS A 25 10.70 0.01 3.91
C CYS A 25 9.69 -0.96 4.51
N MET A 1 -1.72 -9.55 14.17
CA MET A 1 -2.14 -8.18 13.89
C MET A 1 -1.07 -7.43 13.11
N ASP A 2 0.16 -7.53 13.60
CA ASP A 2 1.29 -6.87 12.97
C ASP A 2 1.58 -7.55 11.64
N LYS A 3 1.24 -8.83 11.57
CA LYS A 3 1.46 -9.60 10.36
C LYS A 3 0.36 -9.29 9.34
N VAL A 4 -0.85 -9.14 9.86
CA VAL A 4 -1.99 -8.84 9.01
C VAL A 4 -1.91 -7.37 8.55
N GLN A 5 -1.40 -6.54 9.44
CA GLN A 5 -1.26 -5.12 9.15
C GLN A 5 -0.02 -4.87 8.29
N TYR A 6 0.86 -5.86 8.28
CA TYR A 6 2.08 -5.77 7.50
C TYR A 6 1.80 -5.98 6.01
N LEU A 7 0.92 -6.92 5.74
CA LEU A 7 0.55 -7.23 4.36
C LEU A 7 -0.30 -6.09 3.80
N THR A 8 -1.18 -5.58 4.65
CA THR A 8 -2.05 -4.49 4.25
C THR A 8 -1.24 -3.29 3.75
N ARG A 9 -0.10 -3.08 4.41
CA ARG A 9 0.77 -1.98 4.04
C ARG A 9 1.48 -2.29 2.72
N SER A 10 1.75 -3.56 2.51
CA SER A 10 2.41 -3.99 1.29
C SER A 10 1.44 -3.95 0.11
N ALA A 11 0.19 -4.29 0.41
CA ALA A 11 -0.84 -4.29 -0.61
C ALA A 11 -1.18 -2.85 -1.00
N ILE A 12 -1.32 -2.01 0.02
CA ILE A 12 -1.63 -0.62 -0.20
C ILE A 12 -0.42 0.09 -0.80
N ARG A 13 0.75 -0.33 -0.35
CA ARG A 13 1.99 0.26 -0.84
C ARG A 13 2.13 0.03 -2.35
N ARG A 14 1.80 -1.19 -2.76
CA ARG A 14 1.89 -1.55 -4.17
C ARG A 14 0.66 -1.03 -4.92
N ALA A 15 -0.46 -1.01 -4.21
CA ALA A 15 -1.71 -0.54 -4.80
C ALA A 15 -1.64 0.97 -4.98
N SER A 16 -1.03 1.63 -4.02
CA SER A 16 -0.89 3.07 -4.06
C SER A 16 0.23 3.47 -5.02
N THR A 17 0.97 2.46 -5.46
CA THR A 17 2.07 2.69 -6.39
C THR A 17 1.85 1.89 -7.67
N ILE A 18 0.66 2.04 -8.24
CA ILE A 18 0.31 1.36 -9.46
C ILE A 18 0.55 2.29 -10.66
N GLU A 19 0.14 3.53 -10.47
CA GLU A 19 0.29 4.53 -11.52
C GLU A 19 -0.45 4.09 -12.79
N MET A 20 -0.55 5.02 -13.73
CA MET A 20 -1.22 4.74 -14.98
C MET A 20 -0.31 3.97 -15.94
N PRO A 21 0.92 4.53 -16.14
CA PRO A 21 1.89 3.91 -17.03
C PRO A 21 2.52 2.68 -16.36
N GLN A 22 2.83 1.70 -17.19
CA GLN A 22 3.44 0.47 -16.70
C GLN A 22 4.79 0.25 -17.37
N GLN A 23 5.80 0.94 -16.85
CA GLN A 23 7.14 0.83 -17.38
C GLN A 23 7.19 1.34 -18.83
N ALA A 24 7.92 2.43 -19.00
CA ALA A 24 8.05 3.04 -20.32
C ALA A 24 9.54 3.13 -20.69
N CYS A 25 9.84 2.66 -21.89
CA CYS A 25 11.22 2.69 -22.37
C CYS A 25 11.51 4.09 -22.90
N MET A 1 -1.72 -9.55 14.17
CA MET A 1 -2.14 -8.18 13.89
C MET A 1 -1.07 -7.43 13.11
N ASP A 2 0.16 -7.53 13.60
CA ASP A 2 1.29 -6.87 12.97
C ASP A 2 1.58 -7.55 11.64
N LYS A 3 1.24 -8.83 11.57
CA LYS A 3 1.46 -9.60 10.36
C LYS A 3 0.36 -9.29 9.34
N VAL A 4 -0.85 -9.14 9.86
CA VAL A 4 -1.99 -8.84 9.01
C VAL A 4 -1.91 -7.37 8.55
N GLN A 5 -1.40 -6.54 9.44
CA GLN A 5 -1.26 -5.12 9.15
C GLN A 5 -0.02 -4.87 8.29
N TYR A 6 0.86 -5.86 8.28
CA TYR A 6 2.08 -5.77 7.50
C TYR A 6 1.80 -5.98 6.01
N LEU A 7 0.92 -6.92 5.74
CA LEU A 7 0.55 -7.23 4.36
C LEU A 7 -0.30 -6.09 3.80
N THR A 8 -1.18 -5.58 4.65
CA THR A 8 -2.05 -4.49 4.25
C THR A 8 -1.24 -3.29 3.75
N ARG A 9 -0.10 -3.08 4.41
CA ARG A 9 0.77 -1.98 4.04
C ARG A 9 1.48 -2.29 2.72
N SER A 10 1.75 -3.56 2.51
CA SER A 10 2.41 -3.99 1.29
C SER A 10 1.44 -3.95 0.11
N ALA A 11 0.19 -4.29 0.41
CA ALA A 11 -0.84 -4.29 -0.61
C ALA A 11 -1.18 -2.85 -1.00
N ILE A 12 -1.32 -2.01 0.02
CA ILE A 12 -1.63 -0.62 -0.20
C ILE A 12 -0.42 0.09 -0.80
N ARG A 13 0.75 -0.33 -0.35
CA ARG A 13 1.99 0.26 -0.84
C ARG A 13 2.13 0.03 -2.35
N ARG A 14 1.80 -1.19 -2.76
CA ARG A 14 1.89 -1.55 -4.17
C ARG A 14 0.66 -1.03 -4.92
N ALA A 15 -0.46 -1.01 -4.21
CA ALA A 15 -1.71 -0.54 -4.80
C ALA A 15 -1.64 0.97 -4.98
N SER A 16 -1.03 1.63 -4.02
CA SER A 16 -0.89 3.07 -4.06
C SER A 16 0.23 3.47 -5.02
N THR A 17 0.97 2.46 -5.46
CA THR A 17 2.07 2.69 -6.39
C THR A 17 1.85 1.89 -7.67
N ILE A 18 0.66 2.04 -8.24
CA ILE A 18 0.31 1.36 -9.46
C ILE A 18 0.55 2.29 -10.66
N GLU A 19 0.14 3.53 -10.47
CA GLU A 19 0.29 4.53 -11.52
C GLU A 19 -0.45 4.09 -12.79
N MET A 20 -0.55 5.02 -13.73
CA MET A 20 -1.22 4.74 -14.98
C MET A 20 -0.31 3.97 -15.94
N PRO A 21 0.92 4.53 -16.14
CA PRO A 21 1.89 3.91 -17.03
C PRO A 21 2.52 2.68 -16.36
N GLN A 22 2.83 1.70 -17.19
CA GLN A 22 3.44 0.47 -16.70
C GLN A 22 4.79 0.25 -17.37
N GLN A 23 5.80 0.94 -16.85
CA GLN A 23 7.14 0.83 -17.38
C GLN A 23 7.19 1.34 -18.83
N ALA A 24 7.92 2.43 -19.00
CA ALA A 24 8.05 3.04 -20.32
C ALA A 24 9.54 3.13 -20.69
N CYS A 25 9.84 2.66 -21.89
CA CYS A 25 11.22 2.69 -22.37
C CYS A 25 11.51 4.09 -22.90
N MET A 1 -1.84 -9.04 14.48
CA MET A 1 -2.23 -7.71 14.03
C MET A 1 -1.10 -7.06 13.22
N ASP A 2 0.10 -7.12 13.79
CA ASP A 2 1.26 -6.54 13.13
C ASP A 2 1.61 -7.37 11.90
N LYS A 3 1.27 -8.65 11.96
CA LYS A 3 1.54 -9.55 10.86
C LYS A 3 0.48 -9.36 9.77
N VAL A 4 -0.73 -9.06 10.20
CA VAL A 4 -1.84 -8.85 9.28
C VAL A 4 -1.74 -7.44 8.71
N GLN A 5 -1.23 -6.53 9.53
CA GLN A 5 -1.09 -5.14 9.11
C GLN A 5 0.14 -4.99 8.21
N TYR A 6 0.94 -6.04 8.16
CA TYR A 6 2.15 -6.04 7.35
C TYR A 6 1.80 -6.25 5.87
N LEU A 7 0.93 -7.22 5.64
CA LEU A 7 0.51 -7.55 4.28
C LEU A 7 -0.39 -6.42 3.75
N THR A 8 -1.20 -5.88 4.64
CA THR A 8 -2.10 -4.81 4.27
C THR A 8 -1.33 -3.64 3.65
N ARG A 9 -0.18 -3.35 4.24
CA ARG A 9 0.67 -2.28 3.75
C ARG A 9 1.33 -2.68 2.43
N SER A 10 1.62 -3.96 2.32
CA SER A 10 2.25 -4.48 1.12
C SER A 10 1.28 -4.41 -0.06
N ALA A 11 0.00 -4.52 0.26
CA ALA A 11 -1.04 -4.46 -0.75
C ALA A 11 -1.27 -3.01 -1.17
N ILE A 12 -1.44 -2.16 -0.17
CA ILE A 12 -1.66 -0.74 -0.41
C ILE A 12 -0.38 -0.12 -0.95
N ARG A 13 0.74 -0.73 -0.59
CA ARG A 13 2.03 -0.23 -1.03
C ARG A 13 2.08 -0.13 -2.56
N ARG A 14 1.69 -1.23 -3.19
CA ARG A 14 1.68 -1.27 -4.65
C ARG A 14 0.42 -0.58 -5.19
N ALA A 15 -0.64 -0.64 -4.40
CA ALA A 15 -1.90 -0.02 -4.79
C ALA A 15 -1.74 1.50 -4.75
N SER A 16 -0.85 1.96 -3.89
CA SER A 16 -0.60 3.38 -3.75
C SER A 16 0.66 3.77 -4.51
N THR A 17 1.17 2.81 -5.27
CA THR A 17 2.37 3.04 -6.07
C THR A 17 2.09 2.81 -7.54
N ILE A 18 1.75 3.90 -8.23
CA ILE A 18 1.45 3.83 -9.65
C ILE A 18 2.04 5.06 -10.35
N GLU A 19 1.46 6.21 -10.04
CA GLU A 19 1.92 7.46 -10.62
C GLU A 19 0.97 8.61 -10.23
N MET A 20 -0.28 8.46 -10.63
CA MET A 20 -1.28 9.47 -10.32
C MET A 20 -1.78 9.32 -8.88
N PRO A 21 -2.21 8.08 -8.55
CA PRO A 21 -2.72 7.80 -7.21
C PRO A 21 -1.57 7.71 -6.20
N GLN A 22 -1.40 8.80 -5.47
CA GLN A 22 -0.35 8.86 -4.46
C GLN A 22 -0.83 9.66 -3.24
N GLN A 23 -1.44 8.94 -2.32
CA GLN A 23 -1.95 9.56 -1.10
C GLN A 23 -3.08 10.53 -1.44
N ALA A 24 -4.22 9.96 -1.79
CA ALA A 24 -5.39 10.77 -2.14
C ALA A 24 -4.97 11.83 -3.16
N CYS A 25 -4.73 11.37 -4.38
CA CYS A 25 -4.34 12.27 -5.45
C CYS A 25 -4.78 11.65 -6.78
N MET A 1 -2.10 -9.42 14.37
CA MET A 1 -2.49 -8.23 13.64
C MET A 1 -1.28 -7.57 12.98
N ASP A 2 -0.11 -7.86 13.53
CA ASP A 2 1.12 -7.30 13.01
C ASP A 2 1.43 -7.93 11.65
N LYS A 3 0.95 -9.15 11.49
CA LYS A 3 1.16 -9.88 10.24
C LYS A 3 0.16 -9.39 9.19
N VAL A 4 -1.03 -9.05 9.66
CA VAL A 4 -2.07 -8.57 8.78
C VAL A 4 -1.82 -7.10 8.46
N GLN A 5 -1.25 -6.40 9.43
CA GLN A 5 -0.96 -4.99 9.26
C GLN A 5 0.30 -4.80 8.41
N TYR A 6 1.08 -5.87 8.32
CA TYR A 6 2.30 -5.85 7.54
C TYR A 6 2.02 -5.98 6.05
N LEU A 7 1.10 -6.89 5.73
CA LEU A 7 0.73 -7.13 4.35
C LEU A 7 -0.12 -5.96 3.85
N THR A 8 -0.99 -5.48 4.73
CA THR A 8 -1.87 -4.37 4.40
C THR A 8 -1.04 -3.20 3.85
N ARG A 9 0.11 -2.99 4.46
CA ARG A 9 0.99 -1.90 4.05
C ARG A 9 1.68 -2.26 2.72
N SER A 10 2.04 -3.52 2.60
CA SER A 10 2.70 -4.00 1.40
C SER A 10 1.68 -4.23 0.29
N ALA A 11 0.43 -3.95 0.63
CA ALA A 11 -0.66 -4.13 -0.33
C ALA A 11 -1.18 -2.75 -0.75
N ILE A 12 -1.18 -1.83 0.20
CA ILE A 12 -1.64 -0.48 -0.07
C ILE A 12 -0.54 0.31 -0.79
N ARG A 13 0.70 0.02 -0.41
CA ARG A 13 1.85 0.69 -1.00
C ARG A 13 2.02 0.26 -2.46
N ARG A 14 1.78 -1.02 -2.69
CA ARG A 14 1.90 -1.58 -4.03
C ARG A 14 0.65 -1.27 -4.85
N ALA A 15 -0.46 -1.14 -4.14
CA ALA A 15 -1.73 -0.85 -4.78
C ALA A 15 -1.82 0.65 -5.06
N SER A 16 -1.20 1.42 -4.18
CA SER A 16 -1.20 2.87 -4.31
C SER A 16 -0.08 3.31 -5.26
N THR A 17 0.75 2.34 -5.64
CA THR A 17 1.86 2.61 -6.53
C THR A 17 1.70 1.82 -7.83
N ILE A 18 0.58 2.06 -8.50
CA ILE A 18 0.30 1.38 -9.76
C ILE A 18 -0.44 2.33 -10.69
N GLU A 19 -1.49 2.95 -10.14
CA GLU A 19 -2.29 3.89 -10.91
C GLU A 19 -2.98 3.16 -12.07
N MET A 20 -4.20 3.62 -12.37
CA MET A 20 -4.98 3.02 -13.44
C MET A 20 -5.16 4.01 -14.59
N PRO A 21 -5.32 3.44 -15.82
CA PRO A 21 -5.52 4.26 -17.00
C PRO A 21 -6.93 4.83 -17.04
N GLN A 22 -7.00 6.14 -16.83
CA GLN A 22 -8.28 6.83 -16.85
C GLN A 22 -8.07 8.33 -17.02
N GLN A 23 -7.60 8.71 -18.20
CA GLN A 23 -7.36 10.11 -18.49
C GLN A 23 -7.47 10.36 -20.00
N ALA A 24 -8.06 11.50 -20.34
CA ALA A 24 -8.24 11.88 -21.73
C ALA A 24 -6.95 11.59 -22.50
N CYS A 25 -7.08 10.78 -23.54
CA CYS A 25 -5.94 10.43 -24.36
C CYS A 25 -6.05 11.19 -25.69
N MET A 1 -1.38 -9.50 14.24
CA MET A 1 -1.91 -8.19 13.88
C MET A 1 -0.88 -7.38 13.10
N ASP A 2 0.36 -7.44 13.57
CA ASP A 2 1.44 -6.72 12.94
C ASP A 2 1.76 -7.39 11.59
N LYS A 3 1.56 -8.69 11.56
CA LYS A 3 1.82 -9.46 10.35
C LYS A 3 0.66 -9.29 9.38
N VAL A 4 -0.54 -9.27 9.94
CA VAL A 4 -1.74 -9.11 9.14
C VAL A 4 -1.85 -7.66 8.67
N GLN A 5 -1.41 -6.75 9.53
CA GLN A 5 -1.46 -5.34 9.22
C GLN A 5 -0.28 -4.96 8.30
N TYR A 6 0.73 -5.81 8.32
CA TYR A 6 1.91 -5.58 7.50
C TYR A 6 1.63 -5.86 6.03
N LEU A 7 0.80 -6.88 5.80
CA LEU A 7 0.44 -7.26 4.44
C LEU A 7 -0.53 -6.22 3.87
N THR A 8 -1.45 -5.78 4.71
CA THR A 8 -2.43 -4.79 4.29
C THR A 8 -1.73 -3.56 3.71
N ARG A 9 -0.63 -3.19 4.35
CA ARG A 9 0.13 -2.03 3.92
C ARG A 9 0.90 -2.36 2.64
N SER A 10 1.38 -3.60 2.57
CA SER A 10 2.12 -4.05 1.41
C SER A 10 1.26 -3.96 0.15
N ALA A 11 -0.03 -4.21 0.34
CA ALA A 11 -0.97 -4.16 -0.76
C ALA A 11 -1.29 -2.70 -1.09
N ILE A 12 -1.34 -1.89 -0.04
CA ILE A 12 -1.62 -0.48 -0.20
C ILE A 12 -0.41 0.22 -0.82
N ARG A 13 0.76 -0.17 -0.33
CA ARG A 13 2.00 0.41 -0.82
C ARG A 13 2.21 0.04 -2.29
N ARG A 14 1.84 -1.18 -2.62
CA ARG A 14 1.98 -1.67 -3.98
C ARG A 14 0.84 -1.15 -4.86
N ALA A 15 -0.32 -0.99 -4.23
CA ALA A 15 -1.50 -0.50 -4.94
C ALA A 15 -1.39 1.01 -5.10
N SER A 16 -0.75 1.64 -4.11
CA SER A 16 -0.58 3.08 -4.13
C SER A 16 0.59 3.45 -5.05
N THR A 17 1.25 2.43 -5.57
CA THR A 17 2.38 2.64 -6.44
C THR A 17 1.99 2.37 -7.90
N ILE A 18 1.06 3.18 -8.38
CA ILE A 18 0.59 3.05 -9.75
C ILE A 18 0.56 4.43 -10.42
N GLU A 19 -0.29 5.29 -9.88
CA GLU A 19 -0.42 6.64 -10.40
C GLU A 19 -1.48 7.41 -9.62
N MET A 20 -2.52 6.70 -9.23
CA MET A 20 -3.60 7.31 -8.47
C MET A 20 -3.67 6.74 -7.05
N PRO A 21 -2.97 7.43 -6.12
CA PRO A 21 -2.94 7.01 -4.73
C PRO A 21 -4.26 7.33 -4.03
N GLN A 22 -4.43 6.74 -2.85
CA GLN A 22 -5.63 6.96 -2.08
C GLN A 22 -6.88 6.70 -2.93
N GLN A 23 -7.21 5.43 -3.07
CA GLN A 23 -8.36 5.03 -3.86
C GLN A 23 -9.62 5.72 -3.35
N ALA A 24 -10.51 6.02 -4.27
CA ALA A 24 -11.76 6.69 -3.92
C ALA A 24 -11.46 7.93 -3.07
N CYS A 25 -10.82 8.89 -3.72
CA CYS A 25 -10.45 10.13 -3.05
C CYS A 25 -10.82 11.30 -3.97
N MET A 1 -1.70 -8.25 14.55
CA MET A 1 -2.04 -6.94 14.02
C MET A 1 -0.91 -6.41 13.13
N ASP A 2 0.30 -6.49 13.64
CA ASP A 2 1.47 -6.03 12.91
C ASP A 2 1.72 -6.97 11.72
N LYS A 3 1.36 -8.22 11.92
CA LYS A 3 1.55 -9.23 10.89
C LYS A 3 0.42 -9.11 9.86
N VAL A 4 -0.77 -8.83 10.37
CA VAL A 4 -1.94 -8.69 9.52
C VAL A 4 -1.85 -7.36 8.75
N GLN A 5 -1.27 -6.37 9.42
CA GLN A 5 -1.13 -5.06 8.82
C GLN A 5 0.08 -5.03 7.88
N TYR A 6 0.90 -6.07 8.00
CA TYR A 6 2.08 -6.18 7.16
C TYR A 6 1.72 -6.69 5.76
N LEU A 7 0.71 -7.55 5.72
CA LEU A 7 0.25 -8.11 4.47
C LEU A 7 -0.55 -7.06 3.70
N THR A 8 -1.47 -6.42 4.42
CA THR A 8 -2.31 -5.41 3.82
C THR A 8 -1.46 -4.24 3.31
N ARG A 9 -0.28 -4.12 3.89
CA ARG A 9 0.63 -3.05 3.50
C ARG A 9 1.28 -3.37 2.15
N SER A 10 1.47 -4.66 1.91
CA SER A 10 2.07 -5.12 0.68
C SER A 10 1.15 -4.80 -0.50
N ALA A 11 -0.13 -4.66 -0.19
CA ALA A 11 -1.12 -4.36 -1.21
C ALA A 11 -1.37 -2.84 -1.24
N ILE A 12 -1.11 -2.22 -0.10
CA ILE A 12 -1.29 -0.78 0.03
C ILE A 12 -0.10 -0.07 -0.60
N ARG A 13 1.07 -0.67 -0.46
CA ARG A 13 2.29 -0.11 -1.00
C ARG A 13 2.24 -0.10 -2.53
N ARG A 14 1.79 -1.22 -3.08
CA ARG A 14 1.68 -1.35 -4.52
C ARG A 14 0.41 -0.66 -5.03
N ALA A 15 -0.50 -0.43 -4.11
CA ALA A 15 -1.76 0.21 -4.45
C ALA A 15 -1.59 1.73 -4.33
N SER A 16 -0.77 2.13 -3.37
CA SER A 16 -0.52 3.54 -3.13
C SER A 16 0.56 4.04 -4.08
N THR A 17 1.14 3.10 -4.82
CA THR A 17 2.18 3.44 -5.78
C THR A 17 1.72 3.12 -7.20
N ILE A 18 0.64 3.79 -7.59
CA ILE A 18 0.10 3.58 -8.93
C ILE A 18 -0.68 4.83 -9.35
N GLU A 19 -1.50 5.32 -8.42
CA GLU A 19 -2.31 6.50 -8.68
C GLU A 19 -2.62 7.22 -7.38
N MET A 20 -1.69 8.06 -6.96
CA MET A 20 -1.85 8.82 -5.73
C MET A 20 -0.94 10.04 -5.72
N PRO A 21 -1.28 11.01 -4.82
CA PRO A 21 -0.50 12.23 -4.70
C PRO A 21 0.82 11.97 -3.97
N GLN A 22 1.89 12.51 -4.54
CA GLN A 22 3.21 12.35 -3.95
C GLN A 22 3.84 13.71 -3.69
N GLN A 23 3.34 14.37 -2.65
CA GLN A 23 3.85 15.68 -2.27
C GLN A 23 3.11 16.22 -1.06
N ALA A 24 3.44 15.66 0.10
CA ALA A 24 2.82 16.06 1.34
C ALA A 24 1.37 15.55 1.37
N CYS A 25 0.59 16.02 0.41
CA CYS A 25 -0.80 15.62 0.32
C CYS A 25 -1.16 15.48 -1.17
N MET A 1 -1.70 -8.25 14.55
CA MET A 1 -2.04 -6.94 14.02
C MET A 1 -0.91 -6.41 13.13
N ASP A 2 0.30 -6.49 13.64
CA ASP A 2 1.47 -6.03 12.91
C ASP A 2 1.72 -6.97 11.72
N LYS A 3 1.36 -8.22 11.92
CA LYS A 3 1.55 -9.23 10.89
C LYS A 3 0.42 -9.11 9.86
N VAL A 4 -0.77 -8.83 10.37
CA VAL A 4 -1.94 -8.69 9.52
C VAL A 4 -1.85 -7.36 8.75
N GLN A 5 -1.27 -6.37 9.42
CA GLN A 5 -1.13 -5.06 8.82
C GLN A 5 0.08 -5.03 7.88
N TYR A 6 0.90 -6.07 8.00
CA TYR A 6 2.08 -6.18 7.16
C TYR A 6 1.72 -6.69 5.76
N LEU A 7 0.71 -7.55 5.72
CA LEU A 7 0.25 -8.11 4.47
C LEU A 7 -0.55 -7.06 3.70
N THR A 8 -1.47 -6.42 4.42
CA THR A 8 -2.31 -5.41 3.82
C THR A 8 -1.46 -4.24 3.31
N ARG A 9 -0.28 -4.12 3.89
CA ARG A 9 0.63 -3.05 3.50
C ARG A 9 1.28 -3.37 2.15
N SER A 10 1.47 -4.66 1.91
CA SER A 10 2.07 -5.12 0.68
C SER A 10 1.15 -4.80 -0.50
N ALA A 11 -0.13 -4.66 -0.19
CA ALA A 11 -1.12 -4.36 -1.21
C ALA A 11 -1.37 -2.84 -1.24
N ILE A 12 -1.11 -2.22 -0.10
CA ILE A 12 -1.29 -0.78 0.03
C ILE A 12 -0.10 -0.07 -0.60
N ARG A 13 1.07 -0.67 -0.46
CA ARG A 13 2.29 -0.11 -1.00
C ARG A 13 2.24 -0.10 -2.53
N ARG A 14 1.79 -1.22 -3.08
CA ARG A 14 1.68 -1.35 -4.52
C ARG A 14 0.41 -0.66 -5.03
N ALA A 15 -0.50 -0.43 -4.11
CA ALA A 15 -1.76 0.21 -4.45
C ALA A 15 -1.59 1.73 -4.33
N SER A 16 -0.77 2.13 -3.37
CA SER A 16 -0.52 3.54 -3.13
C SER A 16 0.56 4.04 -4.08
N THR A 17 1.14 3.10 -4.82
CA THR A 17 2.18 3.44 -5.78
C THR A 17 1.72 3.12 -7.20
N ILE A 18 0.64 3.79 -7.59
CA ILE A 18 0.10 3.58 -8.93
C ILE A 18 -0.68 4.83 -9.35
N GLU A 19 -1.50 5.32 -8.42
CA GLU A 19 -2.31 6.50 -8.68
C GLU A 19 -2.62 7.22 -7.38
N MET A 20 -1.69 8.06 -6.96
CA MET A 20 -1.85 8.82 -5.73
C MET A 20 -0.94 10.04 -5.72
N PRO A 21 -1.28 11.01 -4.82
CA PRO A 21 -0.50 12.23 -4.70
C PRO A 21 0.82 11.97 -3.97
N GLN A 22 1.89 12.51 -4.54
CA GLN A 22 3.21 12.35 -3.95
C GLN A 22 3.84 13.71 -3.69
N GLN A 23 3.34 14.37 -2.65
CA GLN A 23 3.85 15.68 -2.27
C GLN A 23 3.11 16.22 -1.06
N ALA A 24 3.44 15.66 0.10
CA ALA A 24 2.82 16.06 1.34
C ALA A 24 1.37 15.55 1.37
N CYS A 25 0.59 16.02 0.41
CA CYS A 25 -0.80 15.62 0.32
C CYS A 25 -1.16 15.48 -1.17
N MET A 1 -2.07 -7.72 14.56
CA MET A 1 -2.39 -6.48 13.87
C MET A 1 -1.22 -6.01 13.01
N ASP A 2 -0.04 -6.01 13.63
CA ASP A 2 1.16 -5.58 12.93
C ASP A 2 1.54 -6.64 11.89
N LYS A 3 1.19 -7.87 12.19
CA LYS A 3 1.49 -8.98 11.28
C LYS A 3 0.45 -9.01 10.16
N VAL A 4 -0.78 -8.70 10.54
CA VAL A 4 -1.87 -8.69 9.57
C VAL A 4 -1.74 -7.45 8.69
N GLN A 5 -1.25 -6.38 9.29
CA GLN A 5 -1.09 -5.13 8.57
C GLN A 5 0.19 -5.17 7.73
N TYR A 6 1.05 -6.13 8.06
CA TYR A 6 2.31 -6.29 7.34
C TYR A 6 2.09 -7.02 6.02
N LEU A 7 1.09 -7.89 6.02
CA LEU A 7 0.78 -8.67 4.83
C LEU A 7 -0.02 -7.80 3.85
N THR A 8 -0.89 -6.97 4.42
CA THR A 8 -1.72 -6.08 3.63
C THR A 8 -0.92 -4.86 3.19
N ARG A 9 0.34 -4.84 3.57
CA ARG A 9 1.22 -3.74 3.23
C ARG A 9 1.55 -3.76 1.74
N SER A 10 1.48 -4.96 1.17
CA SER A 10 1.77 -5.13 -0.24
C SER A 10 0.64 -4.54 -1.08
N ALA A 11 -0.56 -4.60 -0.52
CA ALA A 11 -1.74 -4.07 -1.21
C ALA A 11 -1.70 -2.55 -1.19
N ILE A 12 -1.48 -2.00 -0.01
CA ILE A 12 -1.42 -0.56 0.16
C ILE A 12 -0.14 -0.03 -0.49
N ARG A 13 0.90 -0.87 -0.46
CA ARG A 13 2.17 -0.50 -1.04
C ARG A 13 2.05 -0.40 -2.56
N ARG A 14 1.30 -1.32 -3.13
CA ARG A 14 1.10 -1.34 -4.57
C ARG A 14 0.03 -0.31 -4.97
N ALA A 15 -0.92 -0.12 -4.07
CA ALA A 15 -2.00 0.83 -4.32
C ALA A 15 -1.49 2.25 -4.07
N SER A 16 -0.58 2.35 -3.11
CA SER A 16 -0.01 3.64 -2.75
C SER A 16 1.07 4.03 -3.77
N THR A 17 1.34 3.11 -4.67
CA THR A 17 2.35 3.33 -5.70
C THR A 17 1.67 3.68 -7.04
N ILE A 18 1.01 4.83 -7.05
CA ILE A 18 0.33 5.27 -8.25
C ILE A 18 0.70 6.73 -8.54
N GLU A 19 0.34 7.59 -7.60
CA GLU A 19 0.63 9.01 -7.74
C GLU A 19 0.37 9.74 -6.41
N MET A 20 0.81 10.98 -6.37
CA MET A 20 0.65 11.79 -5.18
C MET A 20 0.12 13.19 -5.53
N PRO A 21 -0.57 13.81 -4.54
CA PRO A 21 -1.12 15.14 -4.72
C PRO A 21 -0.01 16.21 -4.67
N GLN A 22 0.79 16.24 -5.72
CA GLN A 22 1.87 17.19 -5.81
C GLN A 22 2.71 17.16 -4.53
N GLN A 23 3.64 16.22 -4.49
CA GLN A 23 4.51 16.08 -3.34
C GLN A 23 5.54 17.22 -3.29
N ALA A 24 5.04 18.42 -3.06
CA ALA A 24 5.91 19.59 -3.01
C ALA A 24 6.39 19.79 -1.57
N CYS A 25 5.43 20.00 -0.69
CA CYS A 25 5.74 20.21 0.72
C CYS A 25 4.54 19.73 1.55
N MET A 1 -2.07 -7.72 14.56
CA MET A 1 -2.39 -6.48 13.87
C MET A 1 -1.22 -6.01 13.01
N ASP A 2 -0.04 -6.01 13.63
CA ASP A 2 1.16 -5.58 12.93
C ASP A 2 1.54 -6.64 11.89
N LYS A 3 1.19 -7.87 12.19
CA LYS A 3 1.49 -8.98 11.28
C LYS A 3 0.45 -9.01 10.16
N VAL A 4 -0.78 -8.70 10.54
CA VAL A 4 -1.87 -8.69 9.57
C VAL A 4 -1.74 -7.45 8.69
N GLN A 5 -1.25 -6.38 9.29
CA GLN A 5 -1.09 -5.13 8.57
C GLN A 5 0.19 -5.17 7.73
N TYR A 6 1.05 -6.13 8.06
CA TYR A 6 2.31 -6.29 7.34
C TYR A 6 2.09 -7.02 6.02
N LEU A 7 1.09 -7.89 6.02
CA LEU A 7 0.78 -8.67 4.83
C LEU A 7 -0.02 -7.80 3.85
N THR A 8 -0.89 -6.97 4.42
CA THR A 8 -1.72 -6.08 3.63
C THR A 8 -0.92 -4.86 3.19
N ARG A 9 0.34 -4.84 3.57
CA ARG A 9 1.22 -3.74 3.23
C ARG A 9 1.55 -3.76 1.74
N SER A 10 1.48 -4.96 1.17
CA SER A 10 1.77 -5.13 -0.24
C SER A 10 0.64 -4.54 -1.08
N ALA A 11 -0.56 -4.60 -0.52
CA ALA A 11 -1.74 -4.07 -1.21
C ALA A 11 -1.70 -2.55 -1.19
N ILE A 12 -1.48 -2.00 -0.01
CA ILE A 12 -1.42 -0.56 0.16
C ILE A 12 -0.14 -0.03 -0.49
N ARG A 13 0.90 -0.87 -0.46
CA ARG A 13 2.17 -0.50 -1.04
C ARG A 13 2.05 -0.40 -2.56
N ARG A 14 1.30 -1.32 -3.13
CA ARG A 14 1.10 -1.34 -4.57
C ARG A 14 0.03 -0.31 -4.97
N ALA A 15 -0.92 -0.12 -4.07
CA ALA A 15 -2.00 0.83 -4.32
C ALA A 15 -1.49 2.25 -4.07
N SER A 16 -0.58 2.35 -3.11
CA SER A 16 -0.01 3.64 -2.75
C SER A 16 1.07 4.03 -3.77
N THR A 17 1.34 3.11 -4.67
CA THR A 17 2.35 3.33 -5.70
C THR A 17 1.67 3.68 -7.04
N ILE A 18 1.01 4.83 -7.05
CA ILE A 18 0.33 5.27 -8.25
C ILE A 18 0.70 6.73 -8.54
N GLU A 19 0.34 7.59 -7.60
CA GLU A 19 0.63 9.01 -7.74
C GLU A 19 0.37 9.74 -6.41
N MET A 20 0.81 10.98 -6.37
CA MET A 20 0.65 11.79 -5.18
C MET A 20 0.12 13.19 -5.53
N PRO A 21 -0.57 13.81 -4.54
CA PRO A 21 -1.12 15.14 -4.72
C PRO A 21 -0.01 16.21 -4.67
N GLN A 22 0.79 16.24 -5.72
CA GLN A 22 1.87 17.19 -5.81
C GLN A 22 2.71 17.16 -4.53
N GLN A 23 3.64 16.22 -4.49
CA GLN A 23 4.51 16.08 -3.34
C GLN A 23 5.54 17.22 -3.29
N ALA A 24 5.04 18.42 -3.06
CA ALA A 24 5.91 19.59 -3.01
C ALA A 24 6.39 19.79 -1.57
N CYS A 25 5.43 20.00 -0.69
CA CYS A 25 5.74 20.21 0.72
C CYS A 25 4.54 19.73 1.55
N MET A 1 -2.06 -7.71 14.75
CA MET A 1 -2.48 -6.65 13.84
C MET A 1 -1.29 -6.16 13.01
N ASP A 2 -0.12 -6.14 13.64
CA ASP A 2 1.08 -5.69 12.97
C ASP A 2 1.49 -6.73 11.91
N LYS A 3 1.14 -7.97 12.19
CA LYS A 3 1.47 -9.06 11.28
C LYS A 3 0.44 -9.08 10.15
N VAL A 4 -0.79 -8.73 10.49
CA VAL A 4 -1.86 -8.70 9.52
C VAL A 4 -1.77 -7.43 8.69
N GLN A 5 -1.29 -6.38 9.33
CA GLN A 5 -1.13 -5.10 8.67
C GLN A 5 0.13 -5.08 7.81
N TYR A 6 1.05 -5.97 8.16
CA TYR A 6 2.31 -6.07 7.43
C TYR A 6 2.13 -6.88 6.15
N LEU A 7 1.14 -7.75 6.16
CA LEU A 7 0.85 -8.59 5.01
C LEU A 7 0.05 -7.77 3.99
N THR A 8 -0.83 -6.94 4.51
CA THR A 8 -1.67 -6.10 3.66
C THR A 8 -0.88 -4.88 3.18
N ARG A 9 0.39 -4.85 3.55
CA ARG A 9 1.26 -3.75 3.16
C ARG A 9 1.56 -3.80 1.66
N SER A 10 1.51 -5.02 1.13
CA SER A 10 1.78 -5.23 -0.28
C SER A 10 0.65 -4.65 -1.13
N ALA A 11 -0.54 -4.64 -0.53
CA ALA A 11 -1.72 -4.12 -1.21
C ALA A 11 -1.69 -2.60 -1.16
N ILE A 12 -1.34 -2.08 0.01
CA ILE A 12 -1.28 -0.64 0.20
C ILE A 12 -0.05 -0.09 -0.52
N ARG A 13 1.01 -0.89 -0.54
CA ARG A 13 2.24 -0.51 -1.20
C ARG A 13 2.01 -0.34 -2.71
N ARG A 14 1.28 -1.28 -3.27
CA ARG A 14 0.98 -1.24 -4.69
C ARG A 14 -0.14 -0.23 -4.98
N ALA A 15 -1.01 -0.08 -3.99
CA ALA A 15 -2.13 0.86 -4.12
C ALA A 15 -1.64 2.27 -3.82
N SER A 16 -0.48 2.34 -3.18
CA SER A 16 0.10 3.63 -2.83
C SER A 16 1.24 3.97 -3.79
N THR A 17 1.27 3.26 -4.91
CA THR A 17 2.30 3.47 -5.92
C THR A 17 1.66 3.83 -7.25
N ILE A 18 0.72 4.76 -7.20
CA ILE A 18 0.03 5.20 -8.40
C ILE A 18 -0.59 6.57 -8.15
N GLU A 19 0.20 7.45 -7.57
CA GLU A 19 -0.26 8.80 -7.27
C GLU A 19 -0.33 9.64 -8.55
N MET A 20 -1.25 9.26 -9.42
CA MET A 20 -1.44 9.97 -10.68
C MET A 20 -2.25 11.25 -10.47
N PRO A 21 -3.42 11.09 -9.83
CA PRO A 21 -4.29 12.23 -9.56
C PRO A 21 -3.74 13.09 -8.43
N GLN A 22 -3.12 14.19 -8.81
CA GLN A 22 -2.54 15.11 -7.85
C GLN A 22 -2.05 16.38 -8.54
N GLN A 23 -2.85 17.43 -8.43
CA GLN A 23 -2.51 18.70 -9.04
C GLN A 23 -1.36 19.36 -8.28
N ALA A 24 -0.61 20.18 -9.02
CA ALA A 24 0.52 20.88 -8.43
C ALA A 24 0.33 22.39 -8.61
N CYS A 25 0.27 22.80 -9.87
CA CYS A 25 0.10 24.20 -10.19
C CYS A 25 -0.58 24.30 -11.57
N MET A 1 -1.81 -8.26 14.99
CA MET A 1 -2.30 -7.30 14.02
C MET A 1 -1.15 -6.72 13.20
N ASP A 2 0.05 -6.83 13.75
CA ASP A 2 1.24 -6.32 13.07
C ASP A 2 1.53 -7.19 11.85
N LYS A 3 1.15 -8.46 11.96
CA LYS A 3 1.37 -9.40 10.87
C LYS A 3 0.28 -9.21 9.81
N VAL A 4 -0.92 -8.97 10.29
CA VAL A 4 -2.06 -8.77 9.40
C VAL A 4 -1.95 -7.39 8.75
N GLN A 5 -1.43 -6.45 9.52
CA GLN A 5 -1.27 -5.09 9.04
C GLN A 5 -0.02 -4.98 8.16
N TYR A 6 0.82 -6.01 8.25
CA TYR A 6 2.04 -6.04 7.47
C TYR A 6 1.77 -6.47 6.02
N LEU A 7 0.85 -7.41 5.89
CA LEU A 7 0.48 -7.91 4.58
C LEU A 7 -0.33 -6.85 3.84
N THR A 8 -1.18 -6.17 4.59
CA THR A 8 -2.02 -5.13 4.03
C THR A 8 -1.16 -4.03 3.38
N ARG A 9 0.09 -3.96 3.85
CA ARG A 9 1.01 -2.96 3.33
C ARG A 9 1.51 -3.39 1.95
N SER A 10 1.81 -4.67 1.82
CA SER A 10 2.29 -5.21 0.56
C SER A 10 1.31 -4.88 -0.57
N ALA A 11 0.08 -4.59 -0.17
CA ALA A 11 -0.95 -4.25 -1.13
C ALA A 11 -1.17 -2.74 -1.13
N ILE A 12 -0.76 -2.11 -0.03
CA ILE A 12 -0.91 -0.68 0.11
C ILE A 12 0.22 0.02 -0.67
N ARG A 13 1.38 -0.62 -0.67
CA ARG A 13 2.52 -0.08 -1.37
C ARG A 13 2.30 -0.12 -2.89
N ARG A 14 1.75 -1.23 -3.34
CA ARG A 14 1.47 -1.40 -4.76
C ARG A 14 0.18 -0.67 -5.14
N ALA A 15 -0.66 -0.46 -4.13
CA ALA A 15 -1.93 0.22 -4.35
C ALA A 15 -1.71 1.74 -4.25
N SER A 16 -0.82 2.12 -3.35
CA SER A 16 -0.52 3.52 -3.14
C SER A 16 0.35 4.04 -4.29
N THR A 17 0.86 3.10 -5.07
CA THR A 17 1.71 3.46 -6.20
C THR A 17 0.96 3.21 -7.52
N ILE A 18 -0.27 3.69 -7.56
CA ILE A 18 -1.10 3.53 -8.75
C ILE A 18 -1.32 4.89 -9.40
N GLU A 19 -1.04 5.93 -8.63
CA GLU A 19 -1.20 7.29 -9.12
C GLU A 19 -0.22 8.22 -8.42
N MET A 20 -0.30 8.25 -7.10
CA MET A 20 0.57 9.10 -6.31
C MET A 20 0.75 8.51 -4.90
N PRO A 21 1.84 7.71 -4.75
CA PRO A 21 2.14 7.10 -3.47
C PRO A 21 2.72 8.12 -2.49
N GLN A 22 1.98 8.36 -1.42
CA GLN A 22 2.40 9.30 -0.40
C GLN A 22 1.47 9.24 0.80
N GLN A 23 1.75 8.29 1.68
CA GLN A 23 0.95 8.11 2.88
C GLN A 23 -0.51 7.85 2.51
N ALA A 24 -1.24 7.31 3.47
CA ALA A 24 -2.65 7.01 3.26
C ALA A 24 -3.40 8.30 2.92
N CYS A 25 -4.38 8.17 2.04
CA CYS A 25 -5.18 9.31 1.63
C CYS A 25 -6.66 8.90 1.65
N MET A 1 -2.08 -6.63 14.65
CA MET A 1 -2.36 -5.67 13.60
C MET A 1 -1.12 -5.44 12.73
N ASP A 2 0.03 -5.48 13.37
CA ASP A 2 1.29 -5.27 12.67
C ASP A 2 1.56 -6.47 11.76
N LYS A 3 1.06 -7.63 12.19
CA LYS A 3 1.24 -8.85 11.42
C LYS A 3 0.23 -8.88 10.28
N VAL A 4 -0.96 -8.38 10.58
CA VAL A 4 -2.03 -8.35 9.59
C VAL A 4 -1.78 -7.21 8.61
N GLN A 5 -1.20 -6.14 9.13
CA GLN A 5 -0.90 -4.97 8.31
C GLN A 5 0.37 -5.20 7.50
N TYR A 6 1.11 -6.25 7.88
CA TYR A 6 2.34 -6.58 7.20
C TYR A 6 2.05 -7.33 5.90
N LEU A 7 1.03 -8.18 5.95
CA LEU A 7 0.64 -8.96 4.79
C LEU A 7 -0.11 -8.07 3.81
N THR A 8 -0.91 -7.17 4.37
CA THR A 8 -1.70 -6.26 3.56
C THR A 8 -0.83 -5.10 3.08
N ARG A 9 0.45 -5.17 3.40
CA ARG A 9 1.39 -4.14 3.01
C ARG A 9 1.66 -4.20 1.51
N SER A 10 1.56 -5.42 0.98
CA SER A 10 1.78 -5.63 -0.45
C SER A 10 0.67 -4.95 -1.26
N ALA A 11 -0.55 -5.11 -0.78
CA ALA A 11 -1.69 -4.52 -1.45
C ALA A 11 -1.64 -3.00 -1.30
N ILE A 12 -1.31 -2.57 -0.09
CA ILE A 12 -1.22 -1.15 0.19
C ILE A 12 0.00 -0.56 -0.53
N ARG A 13 1.03 -1.38 -0.65
CA ARG A 13 2.25 -0.96 -1.32
C ARG A 13 1.94 -0.45 -2.73
N ARG A 14 1.11 -1.22 -3.43
CA ARG A 14 0.73 -0.87 -4.79
C ARG A 14 -0.34 0.24 -4.76
N ALA A 15 -1.20 0.16 -3.76
CA ALA A 15 -2.25 1.15 -3.61
C ALA A 15 -1.68 2.44 -3.04
N SER A 16 -0.40 2.37 -2.68
CA SER A 16 0.29 3.52 -2.12
C SER A 16 1.42 3.95 -3.05
N THR A 17 1.33 3.53 -4.30
CA THR A 17 2.34 3.87 -5.28
C THR A 17 1.70 4.60 -6.47
N ILE A 18 0.64 5.33 -6.16
CA ILE A 18 -0.07 6.07 -7.19
C ILE A 18 -0.26 7.52 -6.72
N GLU A 19 -0.67 7.66 -5.46
CA GLU A 19 -0.88 8.97 -4.88
C GLU A 19 -1.34 8.84 -3.43
N MET A 20 -0.40 8.42 -2.58
CA MET A 20 -0.70 8.26 -1.17
C MET A 20 0.31 9.02 -0.30
N PRO A 21 -0.17 9.43 0.91
CA PRO A 21 0.67 10.17 1.83
C PRO A 21 1.69 9.24 2.50
N GLN A 22 2.60 8.72 1.69
CA GLN A 22 3.63 7.83 2.19
C GLN A 22 3.05 6.89 3.25
N GLN A 23 2.57 5.74 2.79
CA GLN A 23 1.99 4.76 3.69
C GLN A 23 2.79 4.70 4.99
N ALA A 24 2.07 4.49 6.09
CA ALA A 24 2.70 4.41 7.40
C ALA A 24 2.61 2.97 7.91
N CYS A 25 1.36 2.51 8.07
CA CYS A 25 1.12 1.17 8.56
C CYS A 25 0.01 0.55 7.71
#